data_5H5W
#
_entry.id   5H5W
#
_cell.length_a   118.326
_cell.length_b   118.326
_cell.length_c   59.581
_cell.angle_alpha   90.00
_cell.angle_beta   90.00
_cell.angle_gamma   120.00
#
_symmetry.space_group_name_H-M   'P 6'
#
loop_
_entity.id
_entity.type
_entity.pdbx_description
1 polymer 'Flagellar hook-associated protein 2'
2 water water
#
_entity_poly.entity_id   1
_entity_poly.type   'polypeptide(L)'
_entity_poly.pdbx_seq_one_letter_code
;GSAKDLSATSTTSSTTAFSATTAGNAIAGKYTISVTHLAQAQTLTTRTTRDDTKTAIATSDSKLTIQQGGDKDPITIDIS
AANSSLSGIRDAINNAKAGVSASIINVGNGEYRLSVTSNDTGLDNAMTLSVSGDDALQSFMGYDASASSNGMEVSVAAQN
AQLTVNNVAIENSSNTISDALENITLNLNDVTTGNQTLTITQD
;
_entity_poly.pdbx_strand_id   A,B
#
# COMPACT_ATOMS: atom_id res chain seq x y z
N LEU A 6 -40.76 -5.01 -5.01
CA LEU A 6 -42.06 -5.76 -5.14
C LEU A 6 -41.75 -7.07 -5.85
N SER A 7 -40.71 -7.09 -6.67
CA SER A 7 -40.41 -8.33 -7.43
C SER A 7 -39.21 -9.11 -6.85
N ALA A 8 -39.47 -10.34 -6.41
CA ALA A 8 -38.47 -11.13 -5.68
C ALA A 8 -37.59 -11.92 -6.63
N THR A 9 -36.31 -12.08 -6.25
CA THR A 9 -35.37 -12.85 -7.06
C THR A 9 -34.48 -13.81 -6.21
N SER A 10 -34.04 -14.91 -6.84
CA SER A 10 -33.08 -15.86 -6.22
C SER A 10 -31.72 -15.88 -6.91
N THR A 11 -30.68 -16.23 -6.17
CA THR A 11 -29.34 -16.19 -6.71
C THR A 11 -28.64 -17.54 -6.67
N THR A 12 -27.80 -17.78 -7.67
CA THR A 12 -26.99 -18.99 -7.70
C THR A 12 -25.58 -18.56 -8.14
N SER A 13 -24.57 -19.30 -7.68
CA SER A 13 -23.20 -18.93 -7.98
C SER A 13 -22.38 -20.14 -8.36
N SER A 14 -21.44 -19.96 -9.27
CA SER A 14 -20.59 -21.08 -9.73
C SER A 14 -19.51 -21.46 -8.72
N THR A 15 -19.23 -20.57 -7.78
CA THR A 15 -18.11 -20.71 -6.85
C THR A 15 -18.51 -20.37 -5.43
N THR A 16 -17.83 -20.99 -4.46
CA THR A 16 -17.89 -20.57 -3.06
C THR A 16 -17.14 -19.24 -2.85
N ALA A 17 -16.38 -18.84 -3.86
CA ALA A 17 -15.66 -17.56 -3.87
C ALA A 17 -16.57 -16.35 -3.66
N PHE A 18 -17.81 -16.40 -4.17
CA PHE A 18 -18.76 -15.33 -3.91
C PHE A 18 -20.17 -15.87 -3.79
N SER A 19 -21.01 -15.14 -3.07
CA SER A 19 -22.43 -15.39 -3.11
C SER A 19 -23.12 -14.04 -3.18
N ALA A 20 -24.45 -14.06 -3.20
CA ALA A 20 -25.20 -12.83 -3.36
C ALA A 20 -26.62 -13.00 -2.92
N THR A 21 -27.18 -11.91 -2.39
CA THR A 21 -28.60 -11.84 -2.12
C THR A 21 -29.12 -10.55 -2.73
N THR A 22 -30.44 -10.47 -2.90
CA THR A 22 -31.03 -9.40 -3.65
C THR A 22 -32.13 -8.68 -2.86
N ALA A 23 -32.23 -7.37 -3.07
CA ALA A 23 -33.42 -6.61 -2.68
C ALA A 23 -34.43 -6.77 -3.80
N GLY A 24 -35.62 -6.20 -3.63
CA GLY A 24 -36.63 -6.22 -4.68
C GLY A 24 -36.18 -5.55 -5.98
N ASN A 25 -36.77 -5.99 -7.09
CA ASN A 25 -36.56 -5.40 -8.43
C ASN A 25 -35.11 -5.47 -8.95
N ALA A 26 -34.35 -6.48 -8.51
CA ALA A 26 -33.02 -6.73 -9.06
C ALA A 26 -33.18 -7.36 -10.44
N ILE A 27 -32.28 -7.03 -11.37
CA ILE A 27 -32.41 -7.47 -12.76
C ILE A 27 -32.00 -8.92 -12.92
N ALA A 28 -32.94 -9.78 -13.31
CA ALA A 28 -32.68 -11.20 -13.52
C ALA A 28 -31.58 -11.42 -14.58
N GLY A 29 -30.91 -12.57 -14.52
CA GLY A 29 -29.92 -12.88 -15.54
C GLY A 29 -28.58 -13.36 -15.05
N LYS A 30 -27.66 -13.50 -16.01
CA LYS A 30 -26.34 -14.05 -15.74
C LYS A 30 -25.31 -12.93 -15.65
N TYR A 31 -24.53 -12.95 -14.58
CA TYR A 31 -23.54 -11.95 -14.41
C TYR A 31 -22.19 -12.65 -14.35
N THR A 32 -21.27 -12.26 -15.22
CA THR A 32 -19.91 -12.78 -15.15
C THR A 32 -19.11 -11.99 -14.14
N ILE A 33 -18.65 -12.68 -13.09
CA ILE A 33 -17.91 -12.04 -12.01
C ILE A 33 -16.49 -12.60 -11.84
N SER A 34 -15.53 -11.69 -11.83
CA SER A 34 -14.14 -12.04 -11.66
C SER A 34 -13.67 -11.17 -10.50
N VAL A 35 -13.15 -11.80 -9.44
CA VAL A 35 -12.66 -11.08 -8.23
C VAL A 35 -11.15 -11.16 -8.20
N THR A 36 -10.46 -10.05 -8.23
CA THR A 36 -8.99 -10.17 -8.27
C THR A 36 -8.31 -9.91 -6.93
N HIS A 37 -9.01 -9.23 -6.04
CA HIS A 37 -8.50 -8.87 -4.71
C HIS A 37 -9.68 -8.71 -3.75
N LEU A 38 -9.47 -9.15 -2.51
CA LEU A 38 -10.39 -8.98 -1.40
C LEU A 38 -10.02 -7.70 -0.70
N ALA A 39 -11.00 -7.01 -0.14
CA ALA A 39 -10.70 -5.92 0.76
C ALA A 39 -9.99 -6.45 2.01
N GLN A 40 -9.11 -5.64 2.59
CA GLN A 40 -8.39 -5.99 3.82
C GLN A 40 -8.42 -4.80 4.75
N ALA A 41 -8.51 -5.07 6.05
CA ALA A 41 -8.34 -4.08 7.12
C ALA A 41 -6.87 -3.98 7.51
N GLN A 42 -6.32 -2.77 7.53
CA GLN A 42 -4.94 -2.61 7.96
C GLN A 42 -4.72 -3.13 9.38
N THR A 43 -3.61 -3.86 9.57
CA THR A 43 -3.11 -4.16 10.90
C THR A 43 -1.67 -3.68 11.00
N LEU A 44 -1.44 -2.85 12.01
CA LEU A 44 -0.11 -2.43 12.39
C LEU A 44 0.34 -3.16 13.68
N THR A 45 1.57 -3.66 13.64
CA THR A 45 2.17 -4.37 14.76
C THR A 45 3.53 -3.78 15.14
N THR A 46 3.75 -3.57 16.43
CA THR A 46 5.02 -3.07 16.92
C THR A 46 6.16 -3.94 16.45
N ARG A 47 7.19 -3.37 15.81
CA ARG A 47 8.30 -4.20 15.28
C ARG A 47 9.15 -4.71 16.42
N THR A 48 9.13 -4.01 17.57
CA THR A 48 9.82 -4.50 18.76
C THR A 48 8.83 -5.04 19.79
N THR A 49 9.37 -5.69 20.83
CA THR A 49 8.57 -6.37 21.83
C THR A 49 8.89 -5.81 23.22
N ARG A 50 7.97 -6.02 24.14
CA ARG A 50 8.26 -5.85 25.55
C ARG A 50 8.31 -7.18 26.25
N ASP A 51 9.07 -7.24 27.34
CA ASP A 51 9.07 -8.46 28.12
C ASP A 51 7.88 -8.56 29.10
N ASP A 52 7.05 -7.54 29.17
CA ASP A 52 5.82 -7.73 29.91
C ASP A 52 4.78 -6.72 29.49
N THR A 53 3.56 -6.87 30.01
CA THR A 53 2.43 -6.02 29.60
C THR A 53 2.10 -4.91 30.59
N LYS A 54 2.85 -4.88 31.71
CA LYS A 54 2.53 -4.06 32.87
C LYS A 54 3.49 -2.89 33.11
N THR A 55 4.69 -2.97 32.55
CA THR A 55 5.67 -1.90 32.75
C THR A 55 5.40 -0.77 31.77
N ALA A 56 5.33 0.44 32.33
CA ALA A 56 5.17 1.66 31.56
C ALA A 56 6.32 1.82 30.56
N ILE A 57 6.02 2.38 29.41
CA ILE A 57 7.00 2.53 28.35
C ILE A 57 7.43 3.99 28.28
N ALA A 58 6.50 4.87 28.60
CA ALA A 58 6.72 6.31 28.59
C ALA A 58 7.13 6.76 29.96
N THR A 59 7.92 7.82 30.00
CA THR A 59 8.35 8.44 31.26
C THR A 59 7.52 9.69 31.55
N SER A 60 6.94 10.30 30.52
CA SER A 60 5.97 11.40 30.68
C SER A 60 4.55 10.96 30.27
N ASP A 61 3.56 11.78 30.61
CA ASP A 61 2.24 11.62 30.04
C ASP A 61 2.33 12.03 28.59
N SER A 62 1.41 11.50 27.78
CA SER A 62 1.50 11.69 26.34
C SER A 62 0.14 11.66 25.66
N LYS A 63 0.14 12.01 24.39
CA LYS A 63 -1.12 12.06 23.63
C LYS A 63 -0.99 11.24 22.36
N LEU A 64 -1.78 10.18 22.27
CA LEU A 64 -1.79 9.34 21.04
C LEU A 64 -2.78 9.90 20.05
N THR A 65 -2.32 10.22 18.85
CA THR A 65 -3.22 10.58 17.76
C THR A 65 -3.37 9.43 16.76
N ILE A 66 -4.64 9.15 16.45
CA ILE A 66 -5.05 8.13 15.51
C ILE A 66 -5.83 8.85 14.42
N GLN A 67 -5.29 8.80 13.20
CA GLN A 67 -5.89 9.46 12.07
C GLN A 67 -6.07 8.44 10.93
N GLN A 68 -7.31 8.19 10.54
CA GLN A 68 -7.60 7.36 9.37
C GLN A 68 -7.74 8.21 8.13
N GLY A 69 -7.85 7.58 6.96
CA GLY A 69 -8.05 8.33 5.70
C GLY A 69 -9.52 8.54 5.43
N GLY A 70 -9.83 8.85 4.18
CA GLY A 70 -11.22 9.12 3.79
C GLY A 70 -11.85 10.30 4.51
N ASP A 71 -11.05 11.33 4.75
CA ASP A 71 -11.53 12.55 5.44
C ASP A 71 -12.23 12.32 6.80
N LYS A 72 -11.80 11.31 7.57
CA LYS A 72 -12.27 11.14 8.95
C LYS A 72 -11.51 12.03 9.94
N ASP A 73 -12.22 12.48 10.99
CA ASP A 73 -11.62 13.28 12.06
C ASP A 73 -10.53 12.50 12.82
N PRO A 74 -9.42 13.17 13.16
CA PRO A 74 -8.40 12.58 14.03
C PRO A 74 -8.92 12.42 15.47
N ILE A 75 -8.53 11.33 16.13
CA ILE A 75 -8.88 11.13 17.55
C ILE A 75 -7.59 11.18 18.36
N THR A 76 -7.55 12.05 19.37
CA THR A 76 -6.43 12.19 20.29
C THR A 76 -6.79 11.56 21.64
N ILE A 77 -5.93 10.64 22.08
CA ILE A 77 -6.15 9.94 23.36
C ILE A 77 -5.02 10.29 24.33
N ASP A 78 -5.42 10.52 25.59
CA ASP A 78 -4.47 10.79 26.68
C ASP A 78 -3.98 9.51 27.33
N ILE A 79 -2.66 9.39 27.43
CA ILE A 79 -2.03 8.25 28.05
C ILE A 79 -1.05 8.76 29.10
N SER A 80 -1.43 8.63 30.37
CA SER A 80 -0.52 8.92 31.45
C SER A 80 0.68 7.98 31.37
N ALA A 81 1.80 8.44 31.92
CA ALA A 81 3.02 7.67 32.05
C ALA A 81 2.70 6.31 32.69
N ALA A 82 1.92 6.33 33.77
CA ALA A 82 1.49 5.11 34.44
C ALA A 82 0.78 4.13 33.49
N ASN A 83 -0.05 4.66 32.60
CA ASN A 83 -0.82 3.85 31.65
C ASN A 83 -0.12 3.60 30.30
N SER A 84 1.15 4.00 30.18
CA SER A 84 1.94 3.73 28.96
C SER A 84 2.50 2.29 28.89
N SER A 85 1.92 1.38 29.66
CA SER A 85 2.25 -0.02 29.49
C SER A 85 1.49 -0.58 28.30
N LEU A 86 1.92 -1.73 27.83
CA LEU A 86 1.15 -2.45 26.82
C LEU A 86 -0.33 -2.59 27.19
N SER A 87 -0.66 -3.16 28.37
CA SER A 87 -2.08 -3.23 28.80
C SER A 87 -2.72 -1.84 28.82
N GLY A 88 -2.01 -0.86 29.38
CA GLY A 88 -2.52 0.50 29.50
C GLY A 88 -2.94 1.07 28.17
N ILE A 89 -2.08 0.91 27.16
CA ILE A 89 -2.30 1.49 25.82
C ILE A 89 -3.42 0.76 25.11
N ARG A 90 -3.39 -0.57 25.15
CA ARG A 90 -4.48 -1.40 24.63
C ARG A 90 -5.86 -0.97 25.16
N ASP A 91 -5.98 -0.86 26.48
CA ASP A 91 -7.21 -0.42 27.14
C ASP A 91 -7.62 0.99 26.69
N ALA A 92 -6.64 1.87 26.54
CA ALA A 92 -6.94 3.27 26.26
C ALA A 92 -7.42 3.41 24.82
N ILE A 93 -6.78 2.68 23.92
CA ILE A 93 -7.22 2.64 22.53
C ILE A 93 -8.65 2.04 22.41
N ASN A 94 -8.86 0.88 23.01
CA ASN A 94 -10.11 0.15 22.87
C ASN A 94 -11.26 0.96 23.46
N ASN A 95 -11.00 1.64 24.56
CA ASN A 95 -12.00 2.49 25.23
C ASN A 95 -12.33 3.76 24.47
N ALA A 96 -11.42 4.21 23.62
CA ALA A 96 -11.63 5.44 22.85
C ALA A 96 -12.69 5.34 21.71
N LYS A 97 -12.97 4.13 21.25
CA LYS A 97 -13.84 3.86 20.08
C LYS A 97 -13.38 4.78 18.97
N ALA A 98 -12.21 4.45 18.47
CA ALA A 98 -11.51 5.32 17.56
C ALA A 98 -11.56 4.71 16.15
N GLY A 99 -12.51 3.81 15.93
CA GLY A 99 -12.59 3.04 14.69
C GLY A 99 -11.42 2.08 14.52
N VAL A 100 -10.55 1.97 15.53
CA VAL A 100 -9.51 0.95 15.53
C VAL A 100 -9.59 0.11 16.79
N SER A 101 -8.92 -1.02 16.75
CA SER A 101 -9.02 -1.95 17.85
C SER A 101 -7.60 -2.45 18.13
N ALA A 102 -7.19 -2.44 19.39
CA ALA A 102 -5.86 -2.90 19.82
C ALA A 102 -5.94 -4.24 20.53
N SER A 103 -4.90 -5.05 20.31
CA SER A 103 -4.76 -6.29 21.06
C SER A 103 -3.29 -6.55 21.36
N ILE A 104 -3.05 -7.39 22.36
CA ILE A 104 -1.72 -7.84 22.71
C ILE A 104 -1.46 -9.25 22.15
N ILE A 105 -0.29 -9.46 21.55
CA ILE A 105 0.12 -10.79 21.10
C ILE A 105 1.34 -11.28 21.91
N ASN A 106 1.18 -12.39 22.64
CA ASN A 106 2.34 -13.05 23.23
C ASN A 106 3.05 -13.87 22.13
N VAL A 107 4.18 -13.40 21.60
CA VAL A 107 4.86 -14.12 20.50
C VAL A 107 5.78 -15.25 20.99
N GLY A 108 5.72 -15.53 22.30
CA GLY A 108 6.60 -16.52 22.91
C GLY A 108 7.91 -15.93 23.35
N ASN A 109 8.78 -16.76 23.91
CA ASN A 109 10.09 -16.34 24.41
C ASN A 109 9.99 -15.19 25.45
N GLY A 110 8.82 -15.04 26.09
CA GLY A 110 8.58 -14.03 27.13
C GLY A 110 8.47 -12.63 26.53
N GLU A 111 8.00 -12.53 25.27
CA GLU A 111 7.90 -11.27 24.54
C GLU A 111 6.49 -11.02 24.05
N TYR A 112 6.12 -9.74 24.06
CA TYR A 112 4.79 -9.27 23.70
C TYR A 112 4.86 -8.18 22.67
N ARG A 113 3.96 -8.26 21.70
CA ARG A 113 3.75 -7.24 20.69
C ARG A 113 2.40 -6.55 20.84
N LEU A 114 2.34 -5.30 20.43
CA LEU A 114 1.07 -4.59 20.34
C LEU A 114 0.58 -4.51 18.90
N SER A 115 -0.68 -4.90 18.70
CA SER A 115 -1.25 -4.83 17.34
C SER A 115 -2.40 -3.87 17.36
N VAL A 116 -2.45 -3.02 16.33
CA VAL A 116 -3.63 -2.15 16.12
C VAL A 116 -4.23 -2.42 14.74
N THR A 117 -5.51 -2.72 14.76
CA THR A 117 -6.26 -3.04 13.55
C THR A 117 -7.42 -2.09 13.30
N SER A 118 -7.60 -1.61 12.08
CA SER A 118 -8.79 -0.80 11.77
C SER A 118 -10.05 -1.66 11.71
N ASN A 119 -11.18 -1.19 12.24
CA ASN A 119 -12.36 -2.05 12.30
C ASN A 119 -12.93 -2.34 10.90
N ASP A 120 -12.76 -1.39 9.98
CA ASP A 120 -13.29 -1.53 8.63
C ASP A 120 -12.17 -1.82 7.63
N THR A 121 -12.45 -2.69 6.66
CA THR A 121 -11.50 -2.94 5.59
C THR A 121 -11.47 -1.64 4.76
N GLY A 122 -10.48 -1.53 3.88
CA GLY A 122 -10.46 -0.45 2.89
C GLY A 122 -9.16 0.34 2.94
N LEU A 123 -8.68 0.76 1.78
CA LEU A 123 -7.52 1.65 1.67
C LEU A 123 -7.75 2.92 2.48
N ASP A 124 -9.00 3.40 2.44
CA ASP A 124 -9.37 4.63 3.13
C ASP A 124 -9.43 4.46 4.64
N ASN A 125 -9.37 3.20 5.11
CA ASN A 125 -9.31 2.95 6.54
C ASN A 125 -7.93 2.68 7.13
N ALA A 126 -6.89 2.77 6.27
CA ALA A 126 -5.48 2.84 6.69
C ALA A 126 -5.32 3.96 7.71
N MET A 127 -4.28 3.85 8.52
CA MET A 127 -4.19 4.74 9.67
C MET A 127 -2.79 5.27 9.90
N THR A 128 -2.76 6.48 10.47
CA THR A 128 -1.55 7.06 11.03
C THR A 128 -1.67 7.09 12.55
N LEU A 129 -0.58 6.75 13.23
CA LEU A 129 -0.50 6.78 14.69
C LEU A 129 0.67 7.69 15.08
N SER A 130 0.40 8.68 15.93
CA SER A 130 1.51 9.51 16.42
C SER A 130 1.29 9.88 17.85
N VAL A 131 2.40 9.84 18.59
CA VAL A 131 2.43 10.12 20.01
C VAL A 131 3.27 11.36 20.25
N SER A 132 2.67 12.39 20.83
CA SER A 132 3.42 13.58 21.26
C SER A 132 3.64 13.59 22.77
N GLY A 133 4.83 14.07 23.15
CA GLY A 133 5.20 14.24 24.53
C GLY A 133 6.01 13.08 25.08
N ASP A 134 6.33 12.07 24.26
CA ASP A 134 7.24 10.99 24.71
C ASP A 134 7.96 10.21 23.61
N ASP A 135 9.28 10.38 23.54
CA ASP A 135 10.10 9.76 22.50
C ASP A 135 10.01 8.24 22.47
N ALA A 136 10.11 7.63 23.65
CA ALA A 136 10.18 6.19 23.70
C ALA A 136 8.90 5.58 23.11
N LEU A 137 7.75 6.14 23.47
CA LEU A 137 6.48 5.55 23.03
C LEU A 137 6.25 5.85 21.57
N GLN A 138 6.65 7.04 21.15
CA GLN A 138 6.55 7.43 19.74
C GLN A 138 7.35 6.47 18.90
N SER A 139 8.56 6.15 19.34
CA SER A 139 9.38 5.30 18.53
C SER A 139 8.97 3.82 18.68
N PHE A 140 8.25 3.49 19.76
CA PHE A 140 7.75 2.13 19.96
C PHE A 140 6.54 1.79 19.06
N MET A 141 5.70 2.80 18.85
CA MET A 141 4.31 2.61 18.45
C MET A 141 3.87 3.53 17.30
N GLY A 142 4.67 4.56 16.98
CA GLY A 142 4.33 5.49 15.92
C GLY A 142 4.24 4.76 14.61
N TYR A 143 3.34 5.21 13.74
CA TYR A 143 3.29 4.81 12.36
C TYR A 143 2.83 5.94 11.45
N ASP A 144 3.68 6.24 10.48
CA ASP A 144 3.41 7.15 9.36
C ASP A 144 4.03 6.52 8.10
N ALA A 145 3.16 6.18 7.14
CA ALA A 145 3.54 5.58 5.84
C ALA A 145 4.60 6.38 5.07
N SER A 146 4.72 7.67 5.35
CA SER A 146 5.70 8.48 4.62
C SER A 146 7.01 8.68 5.40
N ALA A 147 7.11 8.06 6.57
CA ALA A 147 8.32 8.19 7.39
C ALA A 147 9.19 6.99 7.09
N SER A 148 10.51 7.13 7.14
CA SER A 148 11.40 5.97 6.89
C SER A 148 11.48 5.00 8.08
N SER A 149 11.52 5.54 9.28
CA SER A 149 11.55 4.66 10.42
C SER A 149 10.26 4.80 11.21
N ASN A 150 9.66 3.69 11.56
CA ASN A 150 8.41 3.70 12.31
C ASN A 150 8.47 2.64 13.38
N GLY A 151 7.66 2.81 14.42
CA GLY A 151 7.56 1.83 15.48
C GLY A 151 6.70 0.67 15.03
N MET A 152 5.65 0.97 14.27
CA MET A 152 4.81 -0.08 13.73
C MET A 152 5.40 -0.58 12.43
N GLU A 153 5.14 -1.85 12.10
CA GLU A 153 5.23 -2.35 10.75
C GLU A 153 3.81 -2.71 10.29
N VAL A 154 3.60 -2.76 8.98
CA VAL A 154 2.32 -3.20 8.43
C VAL A 154 2.29 -4.73 8.41
N SER A 155 1.50 -5.37 9.26
CA SER A 155 1.44 -6.81 9.14
C SER A 155 0.30 -7.25 8.24
N VAL A 156 -0.73 -6.42 8.11
CA VAL A 156 -1.80 -6.71 7.15
C VAL A 156 -2.02 -5.38 6.42
N ALA A 157 -1.70 -5.38 5.12
CA ALA A 157 -1.95 -4.22 4.26
C ALA A 157 -3.45 -3.93 4.22
N ALA A 158 -3.82 -2.66 4.38
CA ALA A 158 -5.11 -2.18 3.96
C ALA A 158 -5.25 -2.48 2.45
N GLN A 159 -6.46 -2.77 2.02
CA GLN A 159 -6.67 -3.14 0.64
C GLN A 159 -8.15 -3.04 0.30
N ASN A 160 -8.43 -2.63 -0.94
CA ASN A 160 -9.80 -2.59 -1.49
C ASN A 160 -10.11 -3.88 -2.26
N ALA A 161 -11.36 -4.31 -2.19
CA ALA A 161 -11.85 -5.34 -3.08
C ALA A 161 -11.73 -4.81 -4.49
N GLN A 162 -11.33 -5.67 -5.43
CA GLN A 162 -11.34 -5.33 -6.85
C GLN A 162 -11.96 -6.45 -7.64
N LEU A 163 -13.01 -6.15 -8.39
CA LEU A 163 -13.68 -7.19 -9.15
C LEU A 163 -14.13 -6.62 -10.49
N THR A 164 -14.57 -7.46 -11.43
CA THR A 164 -15.26 -6.95 -12.63
C THR A 164 -16.60 -7.69 -12.78
N VAL A 165 -17.67 -6.93 -13.02
CA VAL A 165 -19.00 -7.48 -13.16
C VAL A 165 -19.51 -7.11 -14.56
N ASN A 166 -19.68 -8.14 -15.39
CA ASN A 166 -20.05 -8.00 -16.78
C ASN A 166 -19.09 -7.06 -17.48
N ASN A 167 -17.82 -7.29 -17.24
CA ASN A 167 -16.74 -6.46 -17.73
C ASN A 167 -16.69 -5.06 -17.22
N VAL A 168 -17.46 -4.73 -16.18
CA VAL A 168 -17.33 -3.43 -15.58
C VAL A 168 -16.43 -3.49 -14.33
N ALA A 169 -15.30 -2.79 -14.36
CA ALA A 169 -14.38 -2.71 -13.22
C ALA A 169 -14.95 -2.02 -11.97
N ILE A 170 -14.81 -2.68 -10.82
CA ILE A 170 -15.39 -2.14 -9.60
C ILE A 170 -14.44 -2.24 -8.42
N GLU A 171 -14.28 -1.13 -7.70
CA GLU A 171 -13.45 -1.08 -6.50
C GLU A 171 -14.35 -0.82 -5.34
N ASN A 172 -13.99 -1.38 -4.18
CA ASN A 172 -14.84 -1.22 -2.97
C ASN A 172 -14.04 -1.40 -1.68
N SER A 173 -14.39 -0.62 -0.67
CA SER A 173 -13.70 -0.65 0.62
C SER A 173 -13.99 -1.98 1.31
N SER A 174 -15.08 -2.62 0.90
CA SER A 174 -15.67 -3.73 1.65
C SER A 174 -15.78 -4.99 0.80
N ASN A 175 -15.77 -6.15 1.47
CA ASN A 175 -16.06 -7.43 0.82
C ASN A 175 -17.56 -7.73 0.88
N THR A 176 -18.29 -6.83 1.55
CA THR A 176 -19.78 -6.88 1.54
C THR A 176 -20.24 -5.71 0.72
N ILE A 177 -20.60 -5.99 -0.52
CA ILE A 177 -20.81 -4.93 -1.49
C ILE A 177 -22.28 -4.81 -1.84
N SER A 178 -22.94 -3.81 -1.28
CA SER A 178 -24.35 -3.61 -1.62
C SER A 178 -24.60 -2.19 -2.09
N ASP A 179 -23.53 -1.49 -2.45
CA ASP A 179 -23.62 -0.12 -2.95
C ASP A 179 -23.13 0.00 -4.41
N ALA A 180 -22.57 -1.07 -4.95
CA ALA A 180 -22.05 -1.08 -6.30
C ALA A 180 -23.12 -1.35 -7.37
N LEU A 181 -23.85 -2.45 -7.20
CA LEU A 181 -24.88 -2.90 -8.12
C LEU A 181 -26.27 -2.68 -7.54
N GLU A 182 -27.18 -2.15 -8.36
CA GLU A 182 -28.53 -1.85 -7.91
C GLU A 182 -29.22 -3.11 -7.36
N ASN A 183 -29.69 -3.05 -6.12
CA ASN A 183 -30.57 -4.10 -5.52
C ASN A 183 -29.94 -5.48 -5.33
N ILE A 184 -28.62 -5.54 -5.42
CA ILE A 184 -27.85 -6.76 -5.21
C ILE A 184 -26.84 -6.54 -4.08
N THR A 185 -26.65 -7.55 -3.24
CA THR A 185 -25.53 -7.51 -2.31
C THR A 185 -24.60 -8.64 -2.68
N LEU A 186 -23.35 -8.28 -2.90
CA LEU A 186 -22.32 -9.23 -3.31
C LEU A 186 -21.45 -9.50 -2.07
N ASN A 187 -21.27 -10.76 -1.68
CA ASN A 187 -20.36 -11.11 -0.59
C ASN A 187 -19.14 -11.83 -1.15
N LEU A 188 -17.98 -11.21 -1.01
CA LEU A 188 -16.76 -11.81 -1.55
C LEU A 188 -16.00 -12.64 -0.51
N ASN A 189 -15.87 -13.93 -0.77
CA ASN A 189 -15.16 -14.79 0.15
C ASN A 189 -13.76 -15.10 -0.35
N ASP A 190 -13.56 -15.01 -1.66
CA ASP A 190 -12.27 -15.40 -2.22
C ASP A 190 -12.02 -14.78 -3.60
N VAL A 191 -10.75 -14.66 -3.95
CA VAL A 191 -10.33 -14.33 -5.29
C VAL A 191 -10.72 -15.50 -6.22
N THR A 192 -11.09 -15.22 -7.47
CA THR A 192 -11.55 -16.26 -8.41
C THR A 192 -10.49 -16.72 -9.42
N THR A 193 -10.73 -17.88 -10.01
CA THR A 193 -10.02 -18.25 -11.23
C THR A 193 -10.99 -18.59 -12.37
N GLY A 194 -10.62 -18.20 -13.59
CA GLY A 194 -11.42 -18.46 -14.79
C GLY A 194 -12.81 -17.81 -14.82
N ASN A 195 -13.70 -18.38 -15.64
CA ASN A 195 -15.08 -17.88 -15.84
C ASN A 195 -15.93 -18.28 -14.63
N GLN A 196 -16.36 -17.31 -13.84
CA GLN A 196 -17.32 -17.59 -12.75
C GLN A 196 -18.52 -16.71 -12.91
N THR A 197 -19.69 -17.25 -12.62
CA THR A 197 -20.89 -16.49 -12.86
C THR A 197 -21.87 -16.53 -11.70
N LEU A 198 -22.60 -15.45 -11.58
CA LEU A 198 -23.64 -15.29 -10.60
C LEU A 198 -24.94 -15.27 -11.39
N THR A 199 -25.87 -16.09 -10.95
CA THR A 199 -27.11 -16.23 -11.67
C THR A 199 -28.22 -15.68 -10.81
N ILE A 200 -29.00 -14.80 -11.41
CA ILE A 200 -30.16 -14.19 -10.76
C ILE A 200 -31.39 -14.49 -11.60
N THR A 201 -32.37 -15.13 -10.98
CA THR A 201 -33.59 -15.53 -11.67
C THR A 201 -34.83 -14.94 -10.97
N GLN A 202 -35.76 -14.40 -11.77
CA GLN A 202 -37.04 -13.85 -11.26
C GLN A 202 -37.90 -14.99 -10.73
N ASP A 203 -38.39 -14.84 -9.49
CA ASP A 203 -39.06 -15.93 -8.77
C ASP A 203 -40.37 -16.46 -9.38
N ALA B 8 41.29 -12.14 -1.61
CA ALA B 8 40.21 -11.84 -2.60
C ALA B 8 39.38 -13.08 -2.90
N THR B 9 38.12 -12.89 -3.29
CA THR B 9 37.18 -14.01 -3.47
C THR B 9 36.30 -13.93 -4.73
N SER B 10 35.73 -15.08 -5.12
CA SER B 10 34.83 -15.15 -6.27
C SER B 10 33.52 -15.81 -5.85
N THR B 11 32.43 -15.52 -6.58
CA THR B 11 31.15 -16.08 -6.23
C THR B 11 30.64 -17.03 -7.33
N THR B 12 29.67 -17.87 -6.98
CA THR B 12 29.07 -18.81 -7.89
C THR B 12 27.61 -18.86 -7.48
N SER B 13 26.72 -18.66 -8.45
CA SER B 13 25.31 -18.78 -8.11
C SER B 13 24.75 -20.04 -8.74
N SER B 14 23.84 -20.70 -8.04
CA SER B 14 23.11 -21.83 -8.61
C SER B 14 21.96 -21.40 -9.53
N THR B 15 21.64 -20.10 -9.58
CA THR B 15 20.58 -19.53 -10.46
C THR B 15 20.99 -18.21 -11.13
N THR B 16 20.43 -17.97 -12.31
CA THR B 16 20.43 -16.62 -12.91
C THR B 16 19.56 -15.64 -12.12
N ALA B 17 18.78 -16.17 -11.17
CA ALA B 17 17.87 -15.37 -10.36
C ALA B 17 18.60 -14.32 -9.48
N PHE B 18 19.82 -14.62 -9.06
CA PHE B 18 20.63 -13.62 -8.36
C PHE B 18 22.10 -13.79 -8.71
N SER B 19 22.90 -12.79 -8.36
CA SER B 19 24.32 -12.89 -8.52
C SER B 19 24.95 -11.91 -7.55
N ALA B 20 26.26 -11.98 -7.43
CA ALA B 20 26.95 -11.21 -6.41
C ALA B 20 28.33 -10.85 -6.85
N THR B 21 28.83 -9.74 -6.30
CA THR B 21 30.26 -9.45 -6.25
C THR B 21 30.70 -9.30 -4.80
N THR B 22 32.00 -9.31 -4.61
CA THR B 22 32.56 -9.21 -3.29
C THR B 22 33.58 -8.09 -3.28
N ALA B 23 33.75 -7.48 -2.11
CA ALA B 23 34.92 -6.64 -1.88
C ALA B 23 36.00 -7.55 -1.22
N GLY B 24 37.14 -6.98 -0.82
CA GLY B 24 38.14 -7.75 -0.07
C GLY B 24 37.53 -8.27 1.22
N ASN B 25 38.02 -9.39 1.73
CA ASN B 25 37.60 -9.91 3.05
C ASN B 25 36.12 -10.31 3.18
N ALA B 26 35.52 -10.75 2.07
CA ALA B 26 34.24 -11.45 2.14
C ALA B 26 34.47 -12.87 2.68
N ILE B 27 33.46 -13.41 3.35
CA ILE B 27 33.61 -14.67 4.09
C ILE B 27 33.15 -15.87 3.26
N ALA B 28 34.14 -16.71 2.90
CA ALA B 28 33.95 -17.91 2.08
C ALA B 28 32.90 -18.88 2.65
N GLY B 29 32.11 -19.50 1.78
CA GLY B 29 31.07 -20.43 2.20
C GLY B 29 29.93 -20.54 1.23
N LYS B 30 28.94 -21.38 1.57
CA LYS B 30 27.76 -21.61 0.75
C LYS B 30 26.58 -21.07 1.53
N TYR B 31 25.99 -20.00 1.00
CA TYR B 31 24.87 -19.31 1.61
C TYR B 31 23.62 -19.70 0.87
N THR B 32 22.57 -20.02 1.61
CA THR B 32 21.29 -20.37 1.05
C THR B 32 20.45 -19.10 0.84
N ILE B 33 20.05 -18.83 -0.41
CA ILE B 33 19.32 -17.60 -0.69
C ILE B 33 17.98 -17.91 -1.32
N SER B 34 16.95 -17.27 -0.76
CA SER B 34 15.60 -17.40 -1.25
C SER B 34 15.08 -15.99 -1.53
N VAL B 35 14.63 -15.72 -2.77
CA VAL B 35 14.03 -14.42 -3.12
C VAL B 35 12.51 -14.56 -3.25
N THR B 36 11.75 -13.87 -2.41
CA THR B 36 10.29 -13.99 -2.51
C THR B 36 9.65 -12.80 -3.25
N HIS B 37 10.35 -11.63 -3.28
CA HIS B 37 9.89 -10.41 -3.99
C HIS B 37 11.04 -9.54 -4.51
N LEU B 38 10.85 -8.96 -5.68
CA LEU B 38 11.75 -7.93 -6.16
C LEU B 38 11.18 -6.60 -5.77
N ALA B 39 12.08 -5.62 -5.62
CA ALA B 39 11.69 -4.22 -5.44
C ALA B 39 11.07 -3.71 -6.73
N GLN B 40 10.04 -2.88 -6.59
CA GLN B 40 9.34 -2.27 -7.72
C GLN B 40 9.16 -0.79 -7.43
N ALA B 41 9.19 -0.01 -8.52
CA ALA B 41 8.93 1.43 -8.52
C ALA B 41 7.48 1.71 -8.84
N GLN B 42 6.84 2.53 -8.02
CA GLN B 42 5.40 2.82 -8.19
C GLN B 42 5.17 3.57 -9.48
N THR B 43 4.16 3.13 -10.24
CA THR B 43 3.58 3.95 -11.32
C THR B 43 2.13 4.24 -11.00
N LEU B 44 1.80 5.52 -11.03
CA LEU B 44 0.42 5.96 -11.00
C LEU B 44 -0.01 6.36 -12.42
N THR B 45 -1.28 6.16 -12.73
CA THR B 45 -1.83 6.37 -14.05
C THR B 45 -3.23 6.91 -13.87
N THR B 46 -3.54 7.93 -14.67
CA THR B 46 -4.85 8.57 -14.57
C THR B 46 -5.97 7.57 -14.79
N ARG B 47 -7.03 7.68 -13.99
CA ARG B 47 -8.19 6.83 -14.15
C ARG B 47 -9.02 7.21 -15.36
N THR B 48 -9.03 8.49 -15.72
CA THR B 48 -9.74 8.95 -16.91
C THR B 48 -8.73 9.26 -18.02
N THR B 49 -9.24 9.48 -19.22
CA THR B 49 -8.38 9.75 -20.39
C THR B 49 -8.64 11.15 -20.93
N ARG B 50 -7.75 11.65 -21.78
CA ARG B 50 -8.06 12.89 -22.51
C ARG B 50 -8.14 12.60 -23.97
N ASP B 51 -8.86 13.43 -24.70
CA ASP B 51 -8.98 13.11 -26.11
C ASP B 51 -7.80 13.70 -26.89
N ASP B 52 -6.87 14.37 -26.21
CA ASP B 52 -5.61 14.82 -26.84
C ASP B 52 -4.54 15.24 -25.82
N THR B 53 -3.41 15.71 -26.35
CA THR B 53 -2.29 16.06 -25.49
C THR B 53 -2.05 17.58 -25.33
N LYS B 54 -2.75 18.40 -26.12
CA LYS B 54 -2.45 19.83 -26.23
C LYS B 54 -3.48 20.76 -25.59
N THR B 55 -4.63 20.20 -25.19
CA THR B 55 -5.71 20.99 -24.61
C THR B 55 -5.53 21.02 -23.10
N ALA B 56 -5.55 22.22 -22.56
CA ALA B 56 -5.41 22.50 -21.15
C ALA B 56 -6.51 21.78 -20.37
N ILE B 57 -6.15 21.12 -19.28
CA ILE B 57 -7.17 20.49 -18.40
C ILE B 57 -7.74 21.53 -17.44
N ALA B 58 -6.85 22.42 -16.99
CA ALA B 58 -7.17 23.44 -16.01
C ALA B 58 -7.54 24.74 -16.67
N THR B 59 -8.47 25.43 -16.02
CA THR B 59 -8.84 26.80 -16.35
C THR B 59 -8.03 27.88 -15.56
N SER B 60 -7.34 27.52 -14.46
CA SER B 60 -6.48 28.46 -13.72
C SER B 60 -5.01 27.98 -13.67
N ASP B 61 -4.09 28.87 -13.27
CA ASP B 61 -2.75 28.41 -12.87
C ASP B 61 -2.86 27.59 -11.58
N SER B 62 -1.92 26.68 -11.35
CA SER B 62 -2.03 25.76 -10.23
C SER B 62 -0.67 25.26 -9.80
N LYS B 63 -0.65 24.61 -8.65
CA LYS B 63 0.58 24.10 -8.13
C LYS B 63 0.41 22.63 -7.92
N LEU B 64 1.31 21.86 -8.53
CA LEU B 64 1.40 20.43 -8.32
C LEU B 64 2.50 20.10 -7.33
N THR B 65 2.14 19.44 -6.24
CA THR B 65 3.09 19.04 -5.20
C THR B 65 3.21 17.55 -5.28
N ILE B 66 4.43 17.09 -5.52
CA ILE B 66 4.82 15.69 -5.53
C ILE B 66 5.57 15.40 -4.24
N GLN B 67 5.15 14.35 -3.54
CA GLN B 67 5.71 14.04 -2.24
C GLN B 67 5.92 12.52 -2.13
N GLN B 68 7.18 12.14 -1.96
CA GLN B 68 7.56 10.76 -1.76
C GLN B 68 7.69 10.44 -0.28
N GLY B 69 7.78 9.14 0.07
CA GLY B 69 7.96 8.70 1.44
C GLY B 69 9.42 8.78 1.82
N GLY B 70 9.85 7.99 2.80
CA GLY B 70 11.22 8.03 3.29
C GLY B 70 11.65 9.40 3.81
N ASP B 71 10.69 10.19 4.31
CA ASP B 71 10.95 11.55 4.83
C ASP B 71 11.47 12.58 3.82
N LYS B 72 11.34 12.30 2.54
CA LYS B 72 11.82 13.22 1.51
C LYS B 72 10.93 14.45 1.57
N ASP B 73 11.50 15.61 1.26
CA ASP B 73 10.72 16.85 1.20
C ASP B 73 9.83 16.87 -0.05
N PRO B 74 8.64 17.48 0.05
CA PRO B 74 7.80 17.63 -1.15
C PRO B 74 8.44 18.56 -2.18
N ILE B 75 8.06 18.38 -3.45
CA ILE B 75 8.44 19.28 -4.53
C ILE B 75 7.17 19.85 -5.21
N THR B 76 7.08 21.17 -5.21
CA THR B 76 5.95 21.91 -5.75
C THR B 76 6.34 22.53 -7.12
N ILE B 77 5.50 22.25 -8.12
CA ILE B 77 5.71 22.67 -9.50
C ILE B 77 4.56 23.61 -9.91
N ASP B 78 4.87 24.76 -10.50
CA ASP B 78 3.83 25.65 -11.04
C ASP B 78 3.42 25.14 -12.42
N ILE B 79 2.11 25.12 -12.66
CA ILE B 79 1.53 24.68 -13.92
C ILE B 79 0.61 25.80 -14.35
N SER B 80 0.98 26.56 -15.37
CA SER B 80 0.06 27.58 -15.88
C SER B 80 -1.19 26.92 -16.51
N ALA B 81 -2.30 27.65 -16.59
CA ALA B 81 -3.48 27.13 -17.29
C ALA B 81 -3.10 26.59 -18.66
N ALA B 82 -2.39 27.41 -19.45
CA ALA B 82 -1.96 26.99 -20.81
C ALA B 82 -1.18 25.67 -20.79
N ASN B 83 -0.30 25.49 -19.82
CA ASN B 83 0.54 24.28 -19.75
C ASN B 83 -0.11 23.13 -19.00
N SER B 84 -1.42 23.20 -18.76
CA SER B 84 -2.07 22.14 -18.00
C SER B 84 -2.64 21.06 -18.91
N SER B 85 -2.13 21.00 -20.14
CA SER B 85 -2.41 19.87 -21.02
C SER B 85 -1.61 18.65 -20.58
N LEU B 86 -1.88 17.50 -21.17
CA LEU B 86 -1.03 16.37 -20.87
C LEU B 86 0.46 16.62 -21.17
N SER B 87 0.80 17.24 -22.30
CA SER B 87 2.21 17.49 -22.65
C SER B 87 2.87 18.47 -21.73
N GLY B 88 2.14 19.54 -21.39
CA GLY B 88 2.66 20.59 -20.52
C GLY B 88 2.92 19.99 -19.15
N ILE B 89 2.03 19.11 -18.72
CA ILE B 89 2.19 18.43 -17.44
C ILE B 89 3.35 17.46 -17.45
N ARG B 90 3.37 16.60 -18.47
CA ARG B 90 4.53 15.74 -18.71
C ARG B 90 5.85 16.52 -18.71
N ASP B 91 5.96 17.60 -19.47
CA ASP B 91 7.24 18.32 -19.55
C ASP B 91 7.58 19.00 -18.21
N ALA B 92 6.56 19.54 -17.56
CA ALA B 92 6.74 20.27 -16.30
C ALA B 92 7.19 19.35 -15.19
N ILE B 93 6.59 18.16 -15.11
CA ILE B 93 7.07 17.12 -14.19
C ILE B 93 8.51 16.70 -14.54
N ASN B 94 8.75 16.35 -15.80
CA ASN B 94 10.10 15.90 -16.22
C ASN B 94 11.23 16.88 -16.00
N ASN B 95 10.89 18.16 -16.00
CA ASN B 95 11.91 19.22 -15.84
C ASN B 95 12.11 19.61 -14.37
N ALA B 96 11.19 19.19 -13.50
CA ALA B 96 11.18 19.62 -12.09
C ALA B 96 12.24 18.98 -11.19
N LYS B 97 12.88 17.91 -11.66
CA LYS B 97 13.81 17.10 -10.86
C LYS B 97 13.17 16.67 -9.55
N ALA B 98 12.07 15.93 -9.65
CA ALA B 98 11.30 15.62 -8.47
C ALA B 98 11.33 14.14 -8.08
N GLY B 99 12.37 13.44 -8.52
CA GLY B 99 12.54 12.01 -8.19
C GLY B 99 11.57 11.08 -8.93
N VAL B 100 10.81 11.65 -9.87
CA VAL B 100 9.79 10.89 -10.63
C VAL B 100 9.86 11.28 -12.11
N SER B 101 9.18 10.51 -12.97
CA SER B 101 9.00 10.94 -14.33
C SER B 101 7.62 10.65 -14.88
N ALA B 102 7.22 11.40 -15.90
CA ALA B 102 5.87 11.28 -16.45
C ALA B 102 5.97 10.85 -17.88
N SER B 103 4.98 10.09 -18.32
CA SER B 103 4.85 9.71 -19.71
C SER B 103 3.37 9.69 -20.08
N ILE B 104 3.12 9.82 -21.37
CA ILE B 104 1.78 9.78 -21.90
C ILE B 104 1.63 8.45 -22.62
N ILE B 105 0.49 7.80 -22.38
CA ILE B 105 0.16 6.58 -23.08
C ILE B 105 -1.09 6.77 -23.91
N ASN B 106 -0.97 6.44 -25.19
CA ASN B 106 -2.10 6.38 -26.07
C ASN B 106 -2.81 5.01 -25.90
N VAL B 107 -3.98 5.01 -25.25
CA VAL B 107 -4.64 3.76 -24.91
C VAL B 107 -5.56 3.26 -26.02
N GLY B 108 -5.58 4.00 -27.12
CA GLY B 108 -6.29 3.64 -28.34
C GLY B 108 -7.48 4.55 -28.51
N ASN B 109 -7.94 4.76 -29.74
CA ASN B 109 -9.16 5.55 -29.99
C ASN B 109 -8.99 7.06 -29.72
N GLY B 110 -7.81 7.60 -30.05
CA GLY B 110 -7.42 8.95 -29.60
C GLY B 110 -7.60 9.28 -28.11
N GLU B 111 -7.54 8.28 -27.22
CA GLU B 111 -7.64 8.53 -25.78
C GLU B 111 -6.27 8.39 -25.15
N TYR B 112 -5.94 9.29 -24.24
CA TYR B 112 -4.58 9.38 -23.70
C TYR B 112 -4.61 9.40 -22.18
N ARG B 113 -3.73 8.63 -21.56
CA ARG B 113 -3.55 8.71 -20.11
C ARG B 113 -2.18 9.24 -19.79
N LEU B 114 -2.05 9.74 -18.56
CA LEU B 114 -0.79 10.19 -18.04
C LEU B 114 -0.31 9.22 -16.98
N SER B 115 0.94 8.80 -17.08
CA SER B 115 1.60 7.98 -16.05
C SER B 115 2.73 8.74 -15.38
N VAL B 116 2.89 8.48 -14.08
CA VAL B 116 3.92 9.13 -13.27
C VAL B 116 4.60 7.99 -12.52
N THR B 117 5.92 7.88 -12.69
CA THR B 117 6.67 6.73 -12.19
C THR B 117 7.83 7.21 -11.31
N SER B 118 7.94 6.63 -10.13
CA SER B 118 9.06 6.99 -9.26
C SER B 118 10.40 6.46 -9.84
N ASN B 119 11.46 7.29 -9.83
CA ASN B 119 12.72 6.91 -10.50
C ASN B 119 13.37 5.72 -9.80
N ASP B 120 13.13 5.60 -8.49
CA ASP B 120 13.72 4.58 -7.65
C ASP B 120 12.67 3.63 -7.12
N THR B 121 13.05 2.36 -7.02
CA THR B 121 12.17 1.30 -6.49
C THR B 121 11.94 1.44 -4.97
N GLY B 122 10.91 0.79 -4.42
CA GLY B 122 10.77 0.65 -2.97
C GLY B 122 9.50 1.27 -2.43
N LEU B 123 9.02 0.72 -1.32
CA LEU B 123 7.86 1.27 -0.60
C LEU B 123 8.00 2.75 -0.27
N ASP B 124 9.19 3.13 0.20
CA ASP B 124 9.50 4.52 0.59
C ASP B 124 9.34 5.50 -0.57
N ASN B 125 9.54 5.03 -1.79
CA ASN B 125 9.53 5.92 -2.91
C ASN B 125 8.18 6.01 -3.62
N ALA B 126 7.15 5.41 -3.01
CA ALA B 126 5.78 5.66 -3.40
C ALA B 126 5.45 7.17 -3.23
N MET B 127 4.40 7.63 -3.90
CA MET B 127 4.18 9.07 -3.96
C MET B 127 2.74 9.51 -3.68
N THR B 128 2.64 10.80 -3.39
CA THR B 128 1.39 11.53 -3.18
C THR B 128 1.46 12.70 -4.17
N LEU B 129 0.35 12.96 -4.83
CA LEU B 129 0.27 14.07 -5.78
C LEU B 129 -0.91 14.91 -5.39
N SER B 130 -0.73 16.22 -5.31
CA SER B 130 -1.86 17.09 -5.01
C SER B 130 -1.69 18.39 -5.72
N VAL B 131 -2.82 18.92 -6.15
CA VAL B 131 -2.85 20.05 -7.01
C VAL B 131 -3.61 21.11 -6.25
N SER B 132 -3.01 22.28 -6.09
CA SER B 132 -3.78 23.37 -5.50
C SER B 132 -4.09 24.42 -6.56
N GLY B 133 -5.34 24.89 -6.58
CA GLY B 133 -5.73 26.05 -7.42
C GLY B 133 -6.63 25.73 -8.60
N ASP B 134 -6.69 24.45 -8.95
CA ASP B 134 -7.60 23.99 -10.01
C ASP B 134 -8.25 22.67 -9.65
N ASP B 135 -9.57 22.71 -9.54
CA ASP B 135 -10.32 21.56 -9.14
C ASP B 135 -10.31 20.45 -10.19
N ALA B 136 -10.44 20.83 -11.47
CA ALA B 136 -10.45 19.87 -12.54
C ALA B 136 -9.15 19.09 -12.55
N LEU B 137 -8.03 19.80 -12.41
CA LEU B 137 -6.73 19.14 -12.39
C LEU B 137 -6.52 18.26 -11.17
N GLN B 138 -6.84 18.77 -9.98
CA GLN B 138 -6.74 17.92 -8.78
C GLN B 138 -7.51 16.61 -8.97
N SER B 139 -8.74 16.73 -9.48
CA SER B 139 -9.60 15.58 -9.74
C SER B 139 -9.06 14.64 -10.84
N PHE B 140 -8.38 15.20 -11.83
CA PHE B 140 -7.71 14.42 -12.87
C PHE B 140 -6.50 13.62 -12.37
N MET B 141 -5.68 14.22 -11.52
CA MET B 141 -4.31 13.72 -11.23
C MET B 141 -4.00 13.50 -9.75
N GLY B 142 -4.84 13.98 -8.86
CA GLY B 142 -4.53 13.90 -7.44
C GLY B 142 -4.38 12.46 -7.06
N TYR B 143 -3.60 12.21 -6.03
CA TYR B 143 -3.45 10.84 -5.54
C TYR B 143 -2.96 10.84 -4.11
N ASP B 144 -3.77 10.21 -3.25
CA ASP B 144 -3.40 9.93 -1.86
C ASP B 144 -4.02 8.54 -1.60
N ALA B 145 -3.20 7.55 -1.22
CA ALA B 145 -3.64 6.15 -1.12
C ALA B 145 -4.90 6.02 -0.26
N SER B 146 -5.01 6.86 0.75
CA SER B 146 -6.14 6.74 1.68
C SER B 146 -7.31 7.73 1.48
N ALA B 147 -7.29 8.48 0.39
CA ALA B 147 -8.36 9.42 0.03
C ALA B 147 -9.53 8.62 -0.58
N SER B 148 -10.74 9.05 -0.29
CA SER B 148 -11.91 8.38 -0.87
C SER B 148 -12.10 8.74 -2.37
N SER B 149 -11.46 9.82 -2.83
CA SER B 149 -11.52 10.20 -4.25
C SER B 149 -10.19 10.62 -4.89
N ASN B 150 -9.68 9.76 -5.76
CA ASN B 150 -8.39 9.99 -6.43
C ASN B 150 -8.52 10.14 -7.92
N GLY B 151 -7.61 10.92 -8.49
CA GLY B 151 -7.50 11.01 -9.93
C GLY B 151 -6.62 9.89 -10.50
N MET B 152 -5.54 9.53 -9.79
CA MET B 152 -4.69 8.43 -10.23
C MET B 152 -5.15 7.12 -9.61
N GLU B 153 -4.76 6.02 -10.25
CA GLU B 153 -4.71 4.70 -9.66
C GLU B 153 -3.32 4.13 -9.78
N VAL B 154 -3.02 3.18 -8.90
CA VAL B 154 -1.73 2.49 -8.98
C VAL B 154 -1.76 1.50 -10.14
N SER B 155 -0.94 1.69 -11.16
CA SER B 155 -0.86 0.63 -12.19
C SER B 155 0.34 -0.32 -11.95
N VAL B 156 1.38 0.14 -11.28
CA VAL B 156 2.46 -0.75 -10.81
C VAL B 156 2.68 -0.40 -9.32
N ALA B 157 2.57 -1.37 -8.40
CA ALA B 157 2.77 -1.15 -6.99
C ALA B 157 4.25 -0.93 -6.67
N ALA B 158 4.56 -0.02 -5.74
CA ALA B 158 5.89 0.00 -5.09
C ALA B 158 6.01 -1.24 -4.24
N GLN B 159 7.22 -1.80 -4.25
CA GLN B 159 7.55 -2.80 -3.28
C GLN B 159 9.01 -2.88 -3.00
N ASN B 160 9.30 -3.48 -1.86
CA ASN B 160 10.66 -3.73 -1.42
C ASN B 160 11.06 -5.13 -1.87
N ALA B 161 12.34 -5.32 -2.17
CA ALA B 161 12.91 -6.65 -2.33
C ALA B 161 12.79 -7.35 -0.99
N GLN B 162 12.48 -8.63 -1.02
CA GLN B 162 12.38 -9.43 0.19
C GLN B 162 13.04 -10.77 -0.10
N LEU B 163 14.04 -11.12 0.71
CA LEU B 163 14.75 -12.37 0.54
C LEU B 163 15.20 -12.83 1.91
N THR B 164 15.63 -14.08 2.01
CA THR B 164 16.31 -14.55 3.21
C THR B 164 17.70 -15.07 2.84
N VAL B 165 18.65 -14.91 3.75
CA VAL B 165 20.00 -15.43 3.55
C VAL B 165 20.35 -16.26 4.75
N ASN B 166 20.58 -17.55 4.53
CA ASN B 166 20.63 -18.56 5.62
C ASN B 166 19.52 -18.34 6.65
N ASN B 167 18.29 -18.25 6.14
CA ASN B 167 17.06 -18.17 6.96
C ASN B 167 16.89 -16.84 7.68
N VAL B 168 17.73 -15.87 7.34
CA VAL B 168 17.53 -14.55 7.91
C VAL B 168 16.87 -13.65 6.89
N ALA B 169 15.70 -13.11 7.24
CA ALA B 169 14.95 -12.20 6.40
C ALA B 169 15.64 -10.84 6.25
N ILE B 170 15.75 -10.42 4.99
CA ILE B 170 16.29 -9.13 4.59
C ILE B 170 15.26 -8.42 3.75
N GLU B 171 15.15 -7.11 3.95
CA GLU B 171 14.20 -6.29 3.23
C GLU B 171 14.97 -5.08 2.72
N ASN B 172 14.77 -4.71 1.46
CA ASN B 172 15.53 -3.59 0.87
C ASN B 172 14.69 -2.81 -0.15
N SER B 173 14.98 -1.52 -0.31
CA SER B 173 14.23 -0.67 -1.24
C SER B 173 14.67 -0.95 -2.66
N SER B 174 15.85 -1.56 -2.79
CA SER B 174 16.49 -1.76 -4.08
C SER B 174 16.70 -3.25 -4.34
N ASN B 175 16.77 -3.64 -5.62
CA ASN B 175 17.19 -4.98 -6.01
C ASN B 175 18.73 -5.09 -6.04
N THR B 176 19.42 -4.04 -5.59
CA THR B 176 20.86 -4.10 -5.40
C THR B 176 21.12 -3.99 -3.91
N ILE B 177 21.53 -5.10 -3.29
CA ILE B 177 21.65 -5.11 -1.85
C ILE B 177 23.06 -5.30 -1.35
N SER B 178 23.60 -4.22 -0.80
CA SER B 178 24.91 -4.20 -0.21
C SER B 178 24.82 -4.35 1.30
N ALA B 180 23.43 -5.47 3.07
CA ALA B 180 23.06 -6.70 3.80
C ALA B 180 24.26 -7.47 4.28
N LEU B 181 24.69 -8.46 3.48
CA LEU B 181 25.83 -9.34 3.84
C LEU B 181 27.15 -8.58 3.81
N GLU B 182 28.02 -8.84 4.77
CA GLU B 182 29.28 -8.09 4.92
C GLU B 182 30.20 -8.22 3.68
N ASN B 183 30.55 -7.09 3.08
CA ASN B 183 31.48 -7.02 1.95
C ASN B 183 30.98 -7.63 0.63
N ILE B 184 29.67 -7.93 0.57
CA ILE B 184 29.04 -8.45 -0.64
C ILE B 184 27.90 -7.55 -1.14
N THR B 185 27.87 -7.32 -2.45
CA THR B 185 26.71 -6.72 -3.10
C THR B 185 25.96 -7.82 -3.85
N LEU B 186 24.70 -8.03 -3.49
CA LEU B 186 23.87 -9.01 -4.16
C LEU B 186 22.88 -8.30 -5.11
N ASN B 187 22.73 -8.85 -6.31
CA ASN B 187 21.87 -8.31 -7.36
C ASN B 187 20.78 -9.31 -7.65
N LEU B 188 19.54 -8.88 -7.47
CA LEU B 188 18.39 -9.73 -7.66
C LEU B 188 17.74 -9.48 -9.04
N ASN B 189 17.67 -10.53 -9.87
CA ASN B 189 16.96 -10.46 -11.16
C ASN B 189 15.59 -11.16 -11.15
N ASP B 190 15.39 -12.12 -10.26
CA ASP B 190 14.12 -12.84 -10.20
C ASP B 190 13.81 -13.48 -8.84
N VAL B 191 12.53 -13.69 -8.58
CA VAL B 191 12.07 -14.52 -7.49
C VAL B 191 12.61 -15.94 -7.69
N THR B 192 13.13 -16.57 -6.64
CA THR B 192 13.64 -17.95 -6.76
C THR B 192 12.51 -18.95 -6.50
N THR B 193 12.72 -20.20 -6.90
CA THR B 193 11.94 -21.34 -6.34
C THR B 193 12.87 -22.51 -5.97
N GLY B 194 12.51 -23.25 -4.94
CA GLY B 194 13.33 -24.33 -4.41
C GLY B 194 14.54 -23.87 -3.59
N ASN B 195 15.55 -24.72 -3.51
CA ASN B 195 16.77 -24.43 -2.78
C ASN B 195 17.79 -23.79 -3.70
N GLN B 196 18.15 -22.54 -3.45
CA GLN B 196 19.18 -21.90 -4.25
C GLN B 196 20.33 -21.41 -3.41
N THR B 197 21.55 -21.49 -3.95
CA THR B 197 22.73 -21.11 -3.20
C THR B 197 23.70 -20.20 -3.94
N LEU B 198 24.38 -19.39 -3.15
CA LEU B 198 25.50 -18.59 -3.51
C LEU B 198 26.71 -19.18 -2.79
N THR B 199 27.78 -19.42 -3.55
CA THR B 199 29.05 -19.89 -3.02
C THR B 199 30.12 -18.81 -3.22
N ILE B 200 30.79 -18.50 -2.13
CA ILE B 200 31.94 -17.62 -2.12
C ILE B 200 33.16 -18.50 -1.90
N THR B 201 34.11 -18.43 -2.83
CA THR B 201 35.34 -19.18 -2.68
C THR B 201 36.50 -18.22 -2.74
N GLN B 202 37.49 -18.47 -1.88
CA GLN B 202 38.72 -17.70 -1.91
C GLN B 202 39.55 -18.07 -3.12
N ASP B 203 40.01 -17.05 -3.84
CA ASP B 203 40.95 -17.26 -4.91
C ASP B 203 42.33 -17.38 -4.26
#